data_6EWE
#
_entry.id   6EWE
#
_cell.length_a   53.190
_cell.length_b   61.010
_cell.length_c   69.540
_cell.angle_alpha   90.000
_cell.angle_beta   92.990
_cell.angle_gamma   90.000
#
_symmetry.space_group_name_H-M   'C 1 2 1'
#
loop_
_entity.id
_entity.type
_entity.pdbx_description
1 polymer 'Metallo-beta-lactamase type 2'
2 non-polymer 'ZINC ION'
3 non-polymer 'SULFATE ION'
4 non-polymer '(~{Z})-3-(1-benzothiophen-3-yl)-2-sulfanyl-prop-2-enoic acid'
5 non-polymer GLYCEROL
6 water water
#
_entity_poly.entity_id   1
_entity_poly.type   'polypeptide(L)'
_entity_poly.pdbx_seq_one_letter_code
;SQKVEKTVIKNETGTISISQLNKNVWVHTELGSFNGEAVPSNGLVLNTSKGLVLVDSSWDDKLTKELIEMVEKKFQKRVT
DVIITHAHADRIGGIKTLKERGIKAHSTALTAELAKKNGYEEPLGDLQTVTNLKFGNMKVETFYPGKGHTEDNIVVWLPQ
YNILVGGCLVKSTSAKDLGNVADAYVNEWSTSIENVLKRYRNINAVVPGHGEVGDKGLLLHTLDLLK
;
_entity_poly.pdbx_strand_id   A
#
# COMPACT_ATOMS: atom_id res chain seq x y z
N LYS A 6 -10.51 15.28 9.64
CA LYS A 6 -11.20 14.16 9.01
C LYS A 6 -11.59 13.14 10.07
N THR A 7 -12.64 12.36 9.80
CA THR A 7 -13.06 11.33 10.73
C THR A 7 -11.97 10.26 10.92
N VAL A 8 -11.71 9.92 12.18
CA VAL A 8 -10.79 8.85 12.57
C VAL A 8 -11.53 7.93 13.51
N ILE A 9 -11.46 6.63 13.22
CA ILE A 9 -12.12 5.61 14.01
C ILE A 9 -11.08 4.58 14.42
N LYS A 10 -11.10 4.18 15.68
CA LYS A 10 -10.12 3.24 16.22
C LYS A 10 -10.81 2.01 16.81
N ASN A 11 -10.05 0.93 16.88
CA ASN A 11 -10.50 -0.30 17.51
C ASN A 11 -10.39 -0.21 19.03
N GLU A 12 -10.96 -1.21 19.72
CA GLU A 12 -11.01 -1.15 21.18
C GLU A 12 -9.62 -0.99 21.79
N THR A 13 -8.57 -1.50 21.13
CA THR A 13 -7.22 -1.44 21.69
C THR A 13 -6.43 -0.22 21.25
N GLY A 14 -6.87 0.46 20.19
CA GLY A 14 -6.08 1.51 19.60
C GLY A 14 -4.98 1.05 18.65
N THR A 15 -4.84 -0.25 18.41
CA THR A 15 -3.82 -0.73 17.48
C THR A 15 -4.23 -0.63 16.01
N ILE A 16 -5.51 -0.34 15.72
CA ILE A 16 -5.99 -0.17 14.35
C ILE A 16 -6.83 1.09 14.27
N SER A 17 -6.61 1.88 13.23
CA SER A 17 -7.28 3.15 13.04
C SER A 17 -7.65 3.25 11.57
N ILE A 18 -8.82 3.84 11.26
CA ILE A 18 -9.12 4.24 9.90
C ILE A 18 -9.43 5.74 9.86
N SER A 19 -8.94 6.40 8.81
CA SER A 19 -9.06 7.85 8.68
CA SER A 19 -9.06 7.85 8.68
C SER A 19 -9.64 8.14 7.30
N GLN A 20 -10.69 8.93 7.24
CA GLN A 20 -11.36 9.19 5.97
C GLN A 20 -10.63 10.24 5.14
N LEU A 21 -10.31 9.90 3.88
CA LEU A 21 -9.79 10.83 2.89
C LEU A 21 -10.89 11.47 2.04
N ASN A 22 -11.93 10.71 1.70
CA ASN A 22 -13.13 11.21 1.04
C ASN A 22 -14.24 10.18 1.26
N LYS A 23 -15.37 10.41 0.59
CA LYS A 23 -16.57 9.62 0.85
C LYS A 23 -16.30 8.13 0.84
N ASN A 24 -15.47 7.68 -0.10
CA ASN A 24 -15.30 6.25 -0.33
C ASN A 24 -13.86 5.77 -0.14
N VAL A 25 -12.98 6.59 0.41
CA VAL A 25 -11.57 6.26 0.52
C VAL A 25 -11.13 6.56 1.93
N TRP A 26 -10.64 5.56 2.63
CA TRP A 26 -10.11 5.68 3.97
C TRP A 26 -8.69 5.12 3.97
N VAL A 27 -7.86 5.63 4.89
CA VAL A 27 -6.54 5.06 5.15
C VAL A 27 -6.62 4.19 6.39
N HIS A 28 -6.14 2.97 6.30
CA HIS A 28 -6.00 2.14 7.49
C HIS A 28 -4.57 2.17 8.03
N THR A 29 -4.44 2.26 9.34
CA THR A 29 -3.12 2.27 9.96
C THR A 29 -3.11 1.28 11.12
N GLU A 30 -2.10 0.39 11.13
CA GLU A 30 -1.96 -0.60 12.18
C GLU A 30 -0.58 -0.52 12.81
N LEU A 31 -0.56 -0.74 14.12
CA LEU A 31 0.69 -0.75 14.88
C LEU A 31 1.21 -2.17 15.01
N GLY A 32 2.39 -2.43 14.48
CA GLY A 32 3.12 -3.66 14.78
C GLY A 32 4.22 -3.43 15.80
N SER A 33 4.52 -4.47 16.58
CA SER A 33 5.56 -4.42 17.62
C SER A 33 6.96 -4.24 17.01
N ALA A 38 6.93 -0.32 18.73
CA ALA A 38 5.77 0.14 17.95
C ALA A 38 6.19 0.67 16.59
N VAL A 39 5.47 0.26 15.55
CA VAL A 39 5.78 0.71 14.20
C VAL A 39 4.49 0.75 13.38
N PRO A 40 4.00 1.93 12.98
CA PRO A 40 2.74 1.98 12.22
C PRO A 40 2.97 1.80 10.74
N SER A 41 1.95 1.24 10.10
CA SER A 41 1.93 0.96 8.68
C SER A 41 0.58 1.38 8.13
N ASN A 42 0.57 1.91 6.89
CA ASN A 42 -0.64 2.38 6.23
C ASN A 42 -1.02 1.55 5.02
N GLY A 43 -2.31 1.43 4.79
CA GLY A 43 -2.88 1.01 3.53
C GLY A 43 -4.18 1.76 3.28
N LEU A 44 -4.97 1.33 2.30
CA LEU A 44 -6.23 1.97 1.96
C LEU A 44 -7.39 1.02 2.08
N VAL A 45 -8.55 1.59 2.39
CA VAL A 45 -9.85 0.92 2.31
C VAL A 45 -10.70 1.65 1.27
N LEU A 46 -11.15 0.95 0.25
CA LEU A 46 -11.98 1.52 -0.81
C LEU A 46 -13.37 0.97 -0.65
N ASN A 47 -14.34 1.84 -0.45
CA ASN A 47 -15.72 1.45 -0.22
C ASN A 47 -16.39 1.53 -1.57
N THR A 48 -16.58 0.38 -2.22
CA THR A 48 -17.18 0.34 -3.54
C THR A 48 -18.56 -0.29 -3.49
N SER A 49 -19.28 -0.10 -4.59
CA SER A 49 -20.64 -0.65 -4.68
C SER A 49 -20.65 -2.16 -4.76
N LYS A 50 -19.50 -2.81 -4.92
CA LYS A 50 -19.43 -4.26 -5.02
C LYS A 50 -18.64 -4.90 -3.88
N GLY A 51 -18.27 -4.12 -2.89
CA GLY A 51 -17.53 -4.65 -1.77
C GLY A 51 -16.38 -3.74 -1.35
N LEU A 52 -15.71 -4.10 -0.29
CA LEU A 52 -14.55 -3.34 0.14
C LEU A 52 -13.32 -3.90 -0.55
N VAL A 53 -12.43 -3.01 -0.96
CA VAL A 53 -11.17 -3.41 -1.55
C VAL A 53 -10.10 -2.77 -0.68
N LEU A 54 -9.12 -3.53 -0.24
CA LEU A 54 -8.00 -2.96 0.51
C LEU A 54 -6.77 -2.85 -0.37
N VAL A 55 -6.00 -1.82 -0.11
CA VAL A 55 -4.60 -1.80 -0.54
C VAL A 55 -3.77 -2.12 0.69
N ASP A 56 -3.16 -3.28 0.64
CA ASP A 56 -2.31 -3.87 1.64
C ASP A 56 -3.06 -4.46 2.82
N SER A 57 -2.47 -5.53 3.36
CA SER A 57 -3.01 -6.18 4.53
C SER A 57 -2.32 -5.51 5.70
N SER A 58 -1.84 -6.29 6.65
CA SER A 58 -1.15 -5.73 7.78
C SER A 58 -0.08 -6.70 8.22
N TRP A 59 0.53 -6.41 9.37
CA TRP A 59 1.79 -7.04 9.78
C TRP A 59 1.63 -8.54 10.01
N ASP A 60 0.43 -8.99 10.36
CA ASP A 60 0.26 -10.38 10.71
C ASP A 60 -1.22 -10.73 10.59
N ASP A 61 -1.51 -12.01 10.81
CA ASP A 61 -2.88 -12.48 10.64
C ASP A 61 -3.81 -11.92 11.69
N LYS A 62 -3.35 -11.78 12.94
CA LYS A 62 -4.23 -11.25 13.98
C LYS A 62 -4.71 -9.84 13.65
N LEU A 63 -3.77 -8.95 13.27
CA LEU A 63 -4.16 -7.60 12.88
C LEU A 63 -4.98 -7.56 11.61
N THR A 64 -4.69 -8.45 10.64
CA THR A 64 -5.48 -8.47 9.42
C THR A 64 -6.93 -8.87 9.72
N LYS A 65 -7.12 -9.91 10.54
CA LYS A 65 -8.46 -10.31 10.93
C LYS A 65 -9.22 -9.16 11.56
N GLU A 66 -8.57 -8.46 12.50
N GLU A 66 -8.56 -8.45 12.48
CA GLU A 66 -9.23 -7.34 13.18
CA GLU A 66 -9.23 -7.36 13.19
C GLU A 66 -9.61 -6.25 12.20
C GLU A 66 -9.57 -6.21 12.24
N LEU A 67 -8.68 -5.89 11.31
CA LEU A 67 -8.95 -4.89 10.30
C LEU A 67 -10.18 -5.25 9.46
N ILE A 68 -10.21 -6.48 8.95
CA ILE A 68 -11.31 -6.88 8.08
C ILE A 68 -12.61 -6.83 8.85
N GLU A 69 -12.58 -7.30 10.10
CA GLU A 69 -13.79 -7.32 10.91
C GLU A 69 -14.30 -5.91 11.20
N MET A 70 -13.38 -4.97 11.43
CA MET A 70 -13.79 -3.59 11.67
C MET A 70 -14.47 -2.96 10.45
N VAL A 71 -13.85 -3.10 9.27
CA VAL A 71 -14.39 -2.42 8.09
C VAL A 71 -15.66 -3.11 7.58
N GLU A 72 -15.75 -4.42 7.66
CA GLU A 72 -16.98 -5.08 7.23
C GLU A 72 -18.17 -4.65 8.10
N LYS A 73 -17.96 -4.52 9.41
CA LYS A 73 -19.02 -4.05 10.30
C LYS A 73 -19.40 -2.62 9.98
N LYS A 74 -18.39 -1.76 9.83
CA LYS A 74 -18.69 -0.35 9.63
C LYS A 74 -19.42 -0.09 8.32
N PHE A 75 -18.88 -0.61 7.21
CA PHE A 75 -19.36 -0.32 5.85
C PHE A 75 -20.45 -1.29 5.41
N GLN A 76 -20.67 -2.34 6.16
CA GLN A 76 -21.78 -3.26 5.93
C GLN A 76 -21.69 -3.93 4.56
N LYS A 77 -20.49 -4.40 4.25
CA LYS A 77 -20.25 -5.16 3.05
C LYS A 77 -18.99 -5.96 3.28
N ARG A 78 -18.72 -6.89 2.40
CA ARG A 78 -17.57 -7.79 2.60
C ARG A 78 -16.31 -7.23 1.91
N VAL A 79 -15.17 -7.55 2.49
CA VAL A 79 -13.88 -7.35 1.78
C VAL A 79 -13.77 -8.44 0.73
N THR A 80 -13.66 -8.03 -0.52
CA THR A 80 -13.57 -8.97 -1.61
C THR A 80 -12.19 -9.08 -2.20
N ASP A 81 -11.36 -8.02 -2.15
CA ASP A 81 -10.07 -8.03 -2.84
C ASP A 81 -9.08 -7.23 -2.01
N VAL A 82 -7.80 -7.57 -2.14
CA VAL A 82 -6.70 -6.81 -1.54
C VAL A 82 -5.60 -6.70 -2.59
N ILE A 83 -5.00 -5.53 -2.70
CA ILE A 83 -3.81 -5.35 -3.55
C ILE A 83 -2.57 -5.35 -2.65
N ILE A 84 -1.61 -6.22 -2.93
CA ILE A 84 -0.37 -6.38 -2.17
C ILE A 84 0.73 -5.64 -2.93
N THR A 85 1.35 -4.63 -2.31
CA THR A 85 2.25 -3.75 -3.04
C THR A 85 3.73 -4.14 -3.01
N HIS A 86 4.16 -4.96 -2.06
CA HIS A 86 5.44 -5.68 -2.12
C HIS A 86 5.40 -6.82 -1.08
N ALA A 87 6.42 -7.66 -1.09
CA ALA A 87 6.42 -8.89 -0.31
C ALA A 87 7.07 -8.80 1.09
N HIS A 88 7.03 -7.66 1.78
CA HIS A 88 7.43 -7.62 3.18
C HIS A 88 6.20 -7.74 4.08
N ALA A 89 6.45 -8.04 5.38
CA ALA A 89 5.39 -8.43 6.33
C ALA A 89 4.35 -7.35 6.53
N ASP A 90 4.73 -6.08 6.43
CA ASP A 90 3.73 -5.05 6.65
C ASP A 90 2.69 -5.03 5.57
N ARG A 91 3.02 -5.52 4.36
CA ARG A 91 2.10 -5.55 3.24
C ARG A 91 1.39 -6.88 3.15
N ILE A 92 2.13 -7.98 3.40
CA ILE A 92 1.67 -9.31 3.04
C ILE A 92 1.46 -10.23 4.24
N GLY A 93 1.70 -9.75 5.46
CA GLY A 93 1.71 -10.61 6.62
C GLY A 93 0.39 -11.28 6.89
N GLY A 94 -0.70 -10.72 6.39
CA GLY A 94 -1.97 -11.38 6.57
C GLY A 94 -2.47 -12.21 5.41
N ILE A 95 -1.60 -12.63 4.51
CA ILE A 95 -2.05 -13.34 3.34
C ILE A 95 -2.78 -14.65 3.69
N LYS A 96 -2.36 -15.36 4.74
CA LYS A 96 -3.04 -16.60 5.11
C LYS A 96 -4.51 -16.32 5.42
N THR A 97 -4.78 -15.25 6.15
CA THR A 97 -6.16 -14.88 6.46
C THR A 97 -6.96 -14.59 5.19
N LEU A 98 -6.38 -13.81 4.28
CA LEU A 98 -7.07 -13.52 3.03
C LEU A 98 -7.44 -14.81 2.31
N LYS A 99 -6.48 -15.70 2.13
CA LYS A 99 -6.74 -16.85 1.30
C LYS A 99 -7.76 -17.74 1.95
N GLU A 100 -7.71 -17.90 3.27
CA GLU A 100 -8.67 -18.80 3.89
C GLU A 100 -10.09 -18.23 3.89
N ARG A 101 -10.24 -16.93 3.77
CA ARG A 101 -11.57 -16.29 3.73
C ARG A 101 -12.07 -16.10 2.32
N GLY A 102 -11.31 -16.52 1.30
CA GLY A 102 -11.73 -16.32 -0.08
C GLY A 102 -11.63 -14.87 -0.54
N ILE A 103 -10.72 -14.09 0.04
CA ILE A 103 -10.44 -12.73 -0.42
C ILE A 103 -9.35 -12.80 -1.45
N LYS A 104 -9.59 -12.21 -2.61
CA LYS A 104 -8.60 -12.27 -3.67
C LYS A 104 -7.44 -11.37 -3.32
N ALA A 105 -6.24 -11.88 -3.48
CA ALA A 105 -5.01 -11.13 -3.15
C ALA A 105 -4.23 -10.87 -4.45
N HIS A 106 -4.36 -9.68 -4.99
CA HIS A 106 -3.73 -9.32 -6.25
C HIS A 106 -2.28 -8.90 -6.02
N SER A 107 -1.40 -9.26 -6.95
CA SER A 107 0.01 -8.82 -6.88
C SER A 107 0.61 -8.99 -8.26
N THR A 108 1.80 -8.42 -8.44
CA THR A 108 2.56 -8.78 -9.63
C THR A 108 3.10 -10.19 -9.46
N ALA A 109 3.52 -10.74 -10.59
CA ALA A 109 4.18 -12.05 -10.58
C ALA A 109 5.47 -12.04 -9.76
N LEU A 110 6.24 -10.96 -9.85
CA LEU A 110 7.46 -10.90 -9.05
C LEU A 110 7.16 -10.85 -7.56
N THR A 111 6.12 -10.08 -7.14
CA THR A 111 5.78 -10.07 -5.73
C THR A 111 5.34 -11.47 -5.26
N ALA A 112 4.64 -12.20 -6.12
CA ALA A 112 4.25 -13.56 -5.77
C ALA A 112 5.45 -14.48 -5.64
N GLU A 113 6.42 -14.36 -6.54
CA GLU A 113 7.63 -15.19 -6.46
CA GLU A 113 7.62 -15.18 -6.47
C GLU A 113 8.40 -14.88 -5.19
N LEU A 114 8.51 -13.61 -4.85
CA LEU A 114 9.24 -13.26 -3.64
C LEU A 114 8.48 -13.69 -2.40
N ALA A 115 7.15 -13.56 -2.39
CA ALA A 115 6.39 -14.10 -1.27
C ALA A 115 6.71 -15.58 -1.04
N LYS A 116 6.68 -16.39 -2.12
CA LYS A 116 6.94 -17.82 -1.99
C LYS A 116 8.35 -18.05 -1.50
N LYS A 117 9.28 -17.27 -2.03
CA LYS A 117 10.67 -17.42 -1.64
C LYS A 117 10.86 -17.17 -0.15
N ASN A 118 10.07 -16.26 0.43
CA ASN A 118 10.14 -15.91 1.83
C ASN A 118 9.17 -16.72 2.68
N GLY A 119 8.48 -17.69 2.10
CA GLY A 119 7.70 -18.61 2.90
C GLY A 119 6.31 -18.13 3.21
N TYR A 120 5.82 -17.11 2.51
CA TYR A 120 4.44 -16.69 2.64
C TYR A 120 3.61 -17.42 1.61
N GLU A 121 2.33 -17.57 1.91
CA GLU A 121 1.42 -18.02 0.87
C GLU A 121 1.40 -17.03 -0.29
N GLU A 122 1.10 -17.53 -1.48
CA GLU A 122 1.28 -16.73 -2.68
C GLU A 122 0.03 -15.93 -3.02
N PRO A 123 0.19 -14.64 -3.30
CA PRO A 123 -0.88 -13.90 -3.98
C PRO A 123 -0.99 -14.30 -5.46
N LEU A 124 -1.91 -13.66 -6.19
CA LEU A 124 -2.33 -14.18 -7.49
C LEU A 124 -1.29 -13.97 -8.58
N GLY A 125 -0.43 -12.98 -8.46
CA GLY A 125 0.51 -12.79 -9.54
C GLY A 125 -0.11 -12.30 -10.82
N ASP A 126 -1.22 -11.58 -10.75
CA ASP A 126 -2.00 -11.21 -11.92
C ASP A 126 -1.74 -9.81 -12.45
N LEU A 127 -1.06 -8.95 -11.69
CA LEU A 127 -0.86 -7.57 -12.09
C LEU A 127 0.35 -7.42 -13.01
N GLN A 128 0.18 -6.63 -14.06
CA GLN A 128 1.25 -6.36 -15.01
C GLN A 128 1.93 -5.04 -14.63
N THR A 129 2.77 -4.52 -15.50
CA THR A 129 3.43 -3.27 -15.20
C THR A 129 2.43 -2.14 -15.04
N VAL A 130 1.41 -2.10 -15.90
CA VAL A 130 0.28 -1.22 -15.67
C VAL A 130 -0.94 -2.11 -15.74
N THR A 131 -1.75 -2.04 -14.72
CA THR A 131 -3.03 -2.76 -14.73
C THR A 131 -4.14 -1.81 -14.33
N ASN A 132 -5.24 -1.88 -15.03
CA ASN A 132 -6.42 -1.07 -14.71
C ASN A 132 -7.51 -2.00 -14.26
N LEU A 133 -7.95 -1.81 -13.04
CA LEU A 133 -9.02 -2.56 -12.40
C LEU A 133 -10.22 -1.66 -12.16
N LYS A 134 -11.41 -2.27 -12.10
CA LYS A 134 -12.60 -1.52 -11.74
C LYS A 134 -13.39 -2.38 -10.78
N PHE A 135 -13.74 -1.82 -9.64
CA PHE A 135 -14.52 -2.51 -8.62
C PHE A 135 -15.79 -1.69 -8.41
N GLY A 136 -16.91 -2.14 -8.97
CA GLY A 136 -18.10 -1.33 -8.92
C GLY A 136 -17.86 -0.11 -9.77
N ASN A 137 -17.98 1.08 -9.20
CA ASN A 137 -17.64 2.27 -9.96
C ASN A 137 -16.24 2.78 -9.65
N MET A 138 -15.50 2.10 -8.77
CA MET A 138 -14.20 2.59 -8.31
C MET A 138 -13.10 2.11 -9.27
N LYS A 139 -12.36 3.04 -9.85
CA LYS A 139 -11.26 2.72 -10.76
C LYS A 139 -9.94 2.71 -10.00
N VAL A 140 -9.11 1.71 -10.27
CA VAL A 140 -7.83 1.52 -9.58
C VAL A 140 -6.81 1.18 -10.63
N GLU A 141 -5.70 1.88 -10.65
CA GLU A 141 -4.61 1.57 -11.55
C GLU A 141 -3.45 1.16 -10.67
N THR A 142 -2.76 0.09 -11.07
CA THR A 142 -1.51 -0.32 -10.42
C THR A 142 -0.37 -0.11 -11.39
N PHE A 143 0.77 0.35 -10.86
CA PHE A 143 1.91 0.69 -11.71
C PHE A 143 3.19 0.24 -11.04
N TYR A 144 3.99 -0.51 -11.80
CA TYR A 144 5.33 -0.88 -11.35
C TYR A 144 6.31 0.12 -11.92
N PRO A 145 6.93 0.97 -11.10
CA PRO A 145 7.77 2.05 -11.63
C PRO A 145 9.24 1.69 -11.75
N GLY A 146 9.59 0.50 -11.29
CA GLY A 146 10.97 0.08 -11.16
C GLY A 146 11.36 -0.19 -9.71
N LYS A 147 12.60 -0.60 -9.55
CA LYS A 147 13.10 -1.01 -8.24
C LYS A 147 13.30 0.21 -7.35
N GLY A 148 13.18 0.00 -6.04
CA GLY A 148 13.38 1.09 -5.13
C GLY A 148 13.58 0.60 -3.72
N HIS A 149 12.56 0.78 -2.89
CA HIS A 149 12.54 0.19 -1.57
C HIS A 149 12.74 -1.32 -1.61
N THR A 150 12.16 -1.98 -2.63
CA THR A 150 12.40 -3.36 -2.92
C THR A 150 12.36 -3.50 -4.41
N GLU A 151 12.69 -4.69 -4.87
CA GLU A 151 12.74 -4.90 -6.30
CA GLU A 151 12.74 -4.95 -6.30
C GLU A 151 11.37 -4.92 -6.94
N ASP A 152 10.30 -5.23 -6.17
CA ASP A 152 8.97 -5.48 -6.72
C ASP A 152 7.93 -4.40 -6.40
N ASN A 153 8.31 -3.36 -5.64
CA ASN A 153 7.33 -2.40 -5.15
C ASN A 153 6.49 -1.79 -6.28
N ILE A 154 5.18 -1.72 -6.05
CA ILE A 154 4.28 -1.06 -6.98
C ILE A 154 3.58 0.08 -6.26
N VAL A 155 3.04 1.00 -7.04
CA VAL A 155 2.15 2.04 -6.52
C VAL A 155 0.75 1.81 -7.06
N VAL A 156 -0.21 2.44 -6.39
CA VAL A 156 -1.62 2.34 -6.71
C VAL A 156 -2.19 3.74 -6.86
N TRP A 157 -2.90 3.94 -7.94
CA TRP A 157 -3.42 5.25 -8.33
C TRP A 157 -4.93 5.16 -8.45
N LEU A 158 -5.62 6.15 -7.89
CA LEU A 158 -7.07 6.28 -7.99
C LEU A 158 -7.37 7.46 -8.88
N PRO A 159 -7.61 7.24 -10.16
CA PRO A 159 -7.73 8.35 -11.10
C PRO A 159 -8.93 9.22 -10.89
N GLN A 160 -9.97 8.72 -10.23
CA GLN A 160 -11.16 9.51 -9.98
C GLN A 160 -10.96 10.50 -8.86
N TYR A 161 -9.86 10.38 -8.11
CA TYR A 161 -9.53 11.24 -6.99
C TYR A 161 -8.12 11.83 -7.05
N ASN A 162 -7.28 11.38 -7.99
CA ASN A 162 -5.86 11.73 -8.07
C ASN A 162 -5.14 11.47 -6.74
N ILE A 163 -5.41 10.30 -6.17
CA ILE A 163 -4.77 9.84 -4.95
C ILE A 163 -3.77 8.74 -5.31
N LEU A 164 -2.55 8.89 -4.84
CA LEU A 164 -1.50 7.91 -5.07
C LEU A 164 -1.16 7.24 -3.77
N VAL A 165 -1.19 5.90 -3.77
CA VAL A 165 -0.70 5.11 -2.66
C VAL A 165 0.74 4.79 -3.02
N GLY A 166 1.66 5.48 -2.37
CA GLY A 166 3.06 5.29 -2.67
C GLY A 166 3.66 4.05 -2.08
N GLY A 167 3.09 3.56 -0.98
CA GLY A 167 3.65 2.44 -0.28
C GLY A 167 5.01 2.80 0.22
N CYS A 168 5.84 1.76 0.39
N CYS A 168 5.82 1.77 0.45
CA CYS A 168 7.11 1.92 1.05
CA CYS A 168 7.12 2.02 1.09
C CYS A 168 8.17 2.48 0.12
C CYS A 168 8.17 2.53 0.12
N LEU A 169 7.84 2.63 -1.17
CA LEU A 169 8.64 3.43 -2.10
C LEU A 169 8.72 4.89 -1.67
N VAL A 170 7.73 5.40 -0.95
CA VAL A 170 7.61 6.81 -0.65
C VAL A 170 7.74 6.98 0.85
N LYS A 171 8.65 7.85 1.26
N LYS A 171 8.67 7.84 1.27
CA LYS A 171 8.88 8.14 2.67
CA LYS A 171 8.88 8.12 2.68
C LYS A 171 8.02 9.32 3.11
C LYS A 171 8.05 9.32 3.12
N SER A 172 7.54 9.25 4.35
CA SER A 172 6.83 10.39 4.92
C SER A 172 7.80 11.51 5.36
N THR A 173 7.22 12.68 5.62
N THR A 173 7.22 12.68 5.61
CA THR A 173 8.01 13.82 6.05
CA THR A 173 8.02 13.83 6.05
C THR A 173 8.79 13.51 7.32
C THR A 173 8.79 13.51 7.33
N SER A 174 8.21 12.70 8.21
CA SER A 174 8.87 12.35 9.47
C SER A 174 10.07 11.43 9.27
N ALA A 175 10.16 10.75 8.13
CA ALA A 175 11.27 9.84 7.87
C ALA A 175 12.48 10.69 7.55
N LYS A 176 13.52 10.50 8.33
CA LYS A 176 14.76 11.23 8.15
C LYS A 176 15.84 10.40 7.48
N ASP A 177 15.55 9.16 7.13
CA ASP A 177 16.47 8.30 6.40
C ASP A 177 15.62 7.28 5.65
N LEU A 178 16.28 6.41 4.88
CA LEU A 178 15.52 5.53 4.00
C LEU A 178 15.00 4.27 4.69
N GLY A 179 15.37 4.06 5.96
CA GLY A 179 14.98 2.86 6.70
C GLY A 179 15.88 1.68 6.35
N ASN A 180 15.32 0.48 6.46
CA ASN A 180 16.07 -0.74 6.15
C ASN A 180 16.17 -0.86 4.64
N VAL A 181 17.41 -0.78 4.15
CA VAL A 181 17.71 -0.83 2.73
C VAL A 181 18.30 -2.18 2.31
N ALA A 182 18.18 -3.21 3.17
CA ALA A 182 18.76 -4.51 2.83
C ALA A 182 18.19 -5.05 1.52
N ASP A 183 16.90 -4.81 1.26
CA ASP A 183 16.26 -5.30 0.05
C ASP A 183 16.13 -4.22 -1.01
N ALA A 184 16.81 -3.07 -0.83
CA ALA A 184 16.56 -1.88 -1.62
C ALA A 184 17.60 -1.71 -2.73
N TYR A 185 17.28 -0.83 -3.68
CA TYR A 185 18.10 -0.55 -4.86
C TYR A 185 18.26 0.95 -4.91
N VAL A 186 19.20 1.46 -4.12
CA VAL A 186 19.27 2.88 -3.89
C VAL A 186 19.72 3.66 -5.10
N ASN A 187 20.41 3.03 -6.06
N ASN A 187 20.40 3.04 -6.05
CA ASN A 187 20.79 3.67 -7.31
CA ASN A 187 20.70 3.75 -7.29
C ASN A 187 19.73 3.61 -8.41
C ASN A 187 19.47 3.87 -8.20
N GLU A 188 18.62 2.86 -8.22
CA GLU A 188 17.47 2.86 -9.10
CA GLU A 188 17.47 2.84 -9.09
C GLU A 188 16.27 3.57 -8.50
N TRP A 189 16.25 3.75 -7.18
CA TRP A 189 15.05 4.24 -6.50
C TRP A 189 14.69 5.64 -6.98
N SER A 190 15.69 6.50 -7.24
N SER A 190 15.69 6.49 -7.23
CA SER A 190 15.37 7.85 -7.71
CA SER A 190 15.39 7.84 -7.70
C SER A 190 14.73 7.81 -9.09
C SER A 190 14.74 7.81 -9.08
N THR A 191 15.22 6.94 -9.97
CA THR A 191 14.59 6.83 -11.29
C THR A 191 13.16 6.30 -11.16
N SER A 192 12.95 5.36 -10.26
CA SER A 192 11.59 4.84 -10.06
C SER A 192 10.63 5.94 -9.57
N ILE A 193 11.07 6.75 -8.60
CA ILE A 193 10.25 7.88 -8.16
CA ILE A 193 10.26 7.88 -8.16
C ILE A 193 10.02 8.84 -9.32
N GLU A 194 11.07 9.15 -10.09
CA GLU A 194 10.87 10.01 -11.25
C GLU A 194 9.84 9.43 -12.21
N ASN A 195 9.80 8.09 -12.40
CA ASN A 195 8.79 7.50 -13.28
C ASN A 195 7.37 7.71 -12.74
N VAL A 196 7.20 7.66 -11.44
CA VAL A 196 5.89 7.99 -10.84
C VAL A 196 5.52 9.43 -11.14
N LEU A 197 6.47 10.36 -10.88
CA LEU A 197 6.21 11.78 -11.12
C LEU A 197 5.91 12.08 -12.59
N LYS A 198 6.52 11.34 -13.52
CA LYS A 198 6.22 11.52 -14.94
C LYS A 198 4.85 10.98 -15.32
N ARG A 199 4.43 9.88 -14.69
CA ARG A 199 3.15 9.28 -15.03
C ARG A 199 1.98 10.05 -14.43
N TYR A 200 2.14 10.56 -13.19
CA TYR A 200 1.03 11.21 -12.48
C TYR A 200 1.49 12.64 -12.21
N ARG A 201 1.16 13.53 -13.13
CA ARG A 201 1.66 14.90 -13.10
C ARG A 201 0.84 15.83 -12.22
N ASN A 202 -0.36 15.40 -11.79
CA ASN A 202 -1.23 16.22 -10.95
C ASN A 202 -1.77 15.31 -9.83
N ILE A 203 -1.21 15.44 -8.63
CA ILE A 203 -1.51 14.54 -7.52
C ILE A 203 -2.17 15.30 -6.38
N ASN A 204 -3.29 14.79 -5.89
CA ASN A 204 -4.00 15.44 -4.78
C ASN A 204 -3.52 14.99 -3.40
N ALA A 205 -3.31 13.69 -3.19
CA ALA A 205 -2.78 13.16 -1.94
C ALA A 205 -1.85 11.98 -2.24
N VAL A 206 -0.83 11.83 -1.40
CA VAL A 206 0.09 10.71 -1.49
C VAL A 206 0.09 10.02 -0.14
N VAL A 207 -0.19 8.72 -0.13
CA VAL A 207 -0.22 7.94 1.10
C VAL A 207 1.08 7.16 1.19
N PRO A 208 1.99 7.48 2.11
CA PRO A 208 3.24 6.69 2.23
C PRO A 208 2.96 5.38 2.96
N GLY A 209 3.91 4.42 2.88
CA GLY A 209 3.74 3.15 3.59
C GLY A 209 3.71 3.30 5.10
N HIS A 210 4.39 4.30 5.61
CA HIS A 210 4.48 4.60 7.04
C HIS A 210 4.46 6.12 7.19
N GLY A 211 3.62 6.60 8.08
CA GLY A 211 3.62 8.02 8.43
C GLY A 211 2.43 8.76 7.84
N GLU A 212 2.50 10.10 7.92
CA GLU A 212 1.33 10.91 7.62
C GLU A 212 1.12 11.07 6.11
N VAL A 213 -0.14 11.13 5.71
CA VAL A 213 -0.49 11.44 4.34
C VAL A 213 0.05 12.81 3.96
N GLY A 214 0.53 12.94 2.74
CA GLY A 214 1.01 14.22 2.24
C GLY A 214 0.63 14.44 0.79
N ASP A 215 1.51 15.08 0.01
CA ASP A 215 1.24 15.35 -1.39
C ASP A 215 2.50 15.02 -2.16
N LYS A 216 2.62 15.59 -3.37
CA LYS A 216 3.79 15.30 -4.22
C LYS A 216 5.08 15.58 -3.48
N GLY A 217 5.06 16.49 -2.50
CA GLY A 217 6.26 16.77 -1.72
C GLY A 217 6.89 15.55 -1.08
N LEU A 218 6.10 14.49 -0.80
CA LEU A 218 6.69 13.29 -0.23
C LEU A 218 7.59 12.60 -1.25
N LEU A 219 7.23 12.66 -2.53
CA LEU A 219 8.11 12.08 -3.54
C LEU A 219 9.41 12.87 -3.63
N LEU A 220 9.30 14.20 -3.55
CA LEU A 220 10.51 15.05 -3.55
C LEU A 220 11.35 14.83 -2.29
N HIS A 221 10.70 14.59 -1.16
CA HIS A 221 11.43 14.26 0.07
C HIS A 221 12.22 12.96 -0.07
N THR A 222 11.58 11.93 -0.64
CA THR A 222 12.27 10.67 -0.89
C THR A 222 13.47 10.87 -1.81
N LEU A 223 13.30 11.65 -2.88
CA LEU A 223 14.44 11.96 -3.75
C LEU A 223 15.59 12.59 -2.96
N ASP A 224 15.28 13.49 -2.03
CA ASP A 224 16.36 14.11 -1.27
C ASP A 224 17.03 13.13 -0.32
N LEU A 225 16.27 12.20 0.28
CA LEU A 225 16.88 11.20 1.14
C LEU A 225 17.80 10.25 0.37
N LEU A 226 17.63 10.16 -0.94
CA LEU A 226 18.44 9.27 -1.76
C LEU A 226 19.71 9.95 -2.21
N LYS A 227 19.89 11.23 -1.89
N LYS A 227 19.88 11.23 -1.91
CA LYS A 227 21.14 11.93 -2.24
CA LYS A 227 21.12 11.94 -2.31
C LYS A 227 22.28 11.53 -1.32
C LYS A 227 22.21 11.83 -1.27
#